data_2UZC
#
_entry.id   2UZC
#
_cell.length_a   61.250
_cell.length_b   36.474
_cell.length_c   88.706
_cell.angle_alpha   90.00
_cell.angle_beta   99.15
_cell.angle_gamma   90.00
#
_symmetry.space_group_name_H-M   'P 1 21 1'
#
loop_
_entity.id
_entity.type
_entity.pdbx_description
1 polymer 'PDZ AND LIM DOMAIN 5'
2 non-polymer 'CHLORIDE ION'
3 non-polymer 1,2-ETHANEDIOL
4 water water
#
_entity_poly.entity_id   1
_entity_poly.type   'polypeptide(L)'
_entity_poly.pdbx_seq_one_letter_code
;SMSNYSVSLVGPAPWGFRLQGGKDFNMPLTISSLKDGGKAAQANVRIGDVVLSIDGINAQGMTHLEAQNKIKGCTGSLNM
TLQRESDL
;
_entity_poly.pdbx_strand_id   A,B,C,D,E
#
# COMPACT_ATOMS: atom_id res chain seq x y z
N MET A 2 -12.48 -10.57 -7.69
CA MET A 2 -11.88 -11.03 -6.38
C MET A 2 -11.23 -12.43 -6.49
N SER A 3 -10.53 -12.87 -5.43
CA SER A 3 -9.77 -14.12 -5.44
C SER A 3 -10.42 -15.26 -4.62
N ASN A 4 -10.81 -16.29 -5.33
CA ASN A 4 -11.51 -17.41 -4.74
C ASN A 4 -10.54 -18.57 -4.55
N TYR A 5 -10.90 -19.50 -3.69
CA TYR A 5 -10.16 -20.75 -3.54
C TYR A 5 -11.05 -21.82 -2.96
N SER A 6 -10.67 -23.08 -3.18
CA SER A 6 -11.46 -24.22 -2.75
C SER A 6 -10.68 -25.12 -1.82
N VAL A 7 -11.37 -25.70 -0.85
CA VAL A 7 -10.77 -26.67 0.06
C VAL A 7 -11.64 -27.91 0.11
N SER A 8 -10.98 -29.05 0.31
CA SER A 8 -11.70 -30.29 0.48
C SER A 8 -11.11 -30.97 1.71
N LEU A 9 -11.75 -30.79 2.87
CA LEU A 9 -11.17 -31.24 4.12
C LEU A 9 -11.55 -32.69 4.32
N VAL A 10 -10.57 -33.51 4.67
CA VAL A 10 -10.78 -34.94 4.84
C VAL A 10 -11.29 -35.21 6.23
N GLY A 11 -12.50 -35.77 6.31
CA GLY A 11 -13.08 -36.08 7.59
C GLY A 11 -12.25 -37.06 8.43
N PRO A 12 -12.67 -37.31 9.68
CA PRO A 12 -13.91 -36.82 10.27
C PRO A 12 -13.81 -35.40 10.87
N ALA A 13 -14.95 -34.81 11.25
CA ALA A 13 -14.96 -33.58 12.03
C ALA A 13 -14.42 -33.89 13.44
N PRO A 14 -14.08 -32.86 14.25
CA PRO A 14 -14.19 -31.42 14.00
C PRO A 14 -13.37 -30.92 12.82
N TRP A 15 -13.87 -29.87 12.19
CA TRP A 15 -13.20 -29.24 11.07
C TRP A 15 -12.28 -28.15 11.59
N GLY A 16 -12.51 -27.66 12.80
CA GLY A 16 -11.62 -26.68 13.43
C GLY A 16 -11.82 -25.24 13.01
N PHE A 17 -13.08 -24.81 12.93
CA PHE A 17 -13.41 -23.40 12.65
C PHE A 17 -14.76 -23.00 13.20
N ARG A 18 -14.96 -21.68 13.26
CA ARG A 18 -16.24 -21.08 13.62
C ARG A 18 -16.61 -20.10 12.51
N LEU A 19 -17.91 -19.81 12.39
CA LEU A 19 -18.44 -18.86 11.44
C LEU A 19 -19.08 -17.69 12.18
N GLN A 20 -19.06 -16.51 11.55
CA GLN A 20 -19.96 -15.44 11.89
C GLN A 20 -20.73 -15.06 10.61
N GLY A 21 -21.83 -14.33 10.79
CA GLY A 21 -22.57 -13.82 9.66
C GLY A 21 -23.63 -14.74 9.13
N GLY A 22 -24.14 -14.40 7.94
CA GLY A 22 -25.27 -15.08 7.32
C GLY A 22 -26.38 -14.11 7.00
N LYS A 23 -27.44 -14.60 6.37
CA LYS A 23 -28.60 -13.76 6.00
C LYS A 23 -29.17 -12.98 7.18
N ASP A 24 -29.37 -13.67 8.29
CA ASP A 24 -29.98 -13.08 9.50
C ASP A 24 -29.14 -11.99 10.17
N PHE A 25 -27.88 -11.85 9.75
CA PHE A 25 -26.97 -10.80 10.26
C PHE A 25 -26.66 -9.78 9.20
N ASN A 26 -27.21 -9.96 8.00
CA ASN A 26 -27.01 -9.00 6.96
C ASN A 26 -25.51 -8.79 6.76
N MET A 27 -24.76 -9.89 6.84
CA MET A 27 -23.35 -9.86 6.52
C MET A 27 -22.98 -11.23 5.94
N PRO A 28 -21.89 -11.29 5.16
CA PRO A 28 -21.56 -12.58 4.59
C PRO A 28 -21.15 -13.62 5.64
N LEU A 29 -21.26 -14.89 5.28
CA LEU A 29 -20.70 -15.97 6.10
C LEU A 29 -19.20 -15.89 6.03
N THR A 30 -18.61 -15.74 7.21
CA THR A 30 -17.20 -15.42 7.35
C THR A 30 -16.57 -16.39 8.33
N ILE A 31 -15.37 -16.88 8.02
CA ILE A 31 -14.58 -17.65 8.98
C ILE A 31 -14.16 -16.69 10.13
N SER A 32 -14.61 -16.95 11.33
CA SER A 32 -14.35 -16.05 12.47
C SER A 32 -13.33 -16.57 13.49
N SER A 33 -13.03 -17.86 13.42
CA SER A 33 -12.15 -18.50 14.36
C SER A 33 -11.58 -19.73 13.69
N LEU A 34 -10.36 -20.09 14.08
CA LEU A 34 -9.67 -21.28 13.59
C LEU A 34 -8.94 -21.95 14.76
N LYS A 35 -9.08 -23.26 14.89
CA LYS A 35 -8.27 -24.01 15.81
C LYS A 35 -6.88 -24.17 15.20
N ASP A 36 -5.87 -23.81 15.99
CA ASP A 36 -4.49 -23.98 15.58
C ASP A 36 -4.25 -25.46 15.35
N GLY A 37 -3.73 -25.78 14.16
CA GLY A 37 -3.46 -27.16 13.81
C GLY A 37 -4.68 -27.99 13.49
N GLY A 38 -5.85 -27.34 13.39
CA GLY A 38 -7.06 -28.02 12.98
C GLY A 38 -7.06 -28.12 11.47
N LYS A 39 -8.03 -28.84 10.92
CA LYS A 39 -8.10 -29.13 9.49
C LYS A 39 -8.30 -27.90 8.59
N ALA A 40 -9.18 -26.99 8.99
CA ALA A 40 -9.36 -25.76 8.23
C ALA A 40 -8.05 -24.92 8.18
N ALA A 41 -7.43 -24.67 9.33
CA ALA A 41 -6.14 -23.94 9.38
C ALA A 41 -5.06 -24.59 8.49
N GLN A 42 -4.96 -25.91 8.60
CA GLN A 42 -3.95 -26.69 7.84
C GLN A 42 -4.23 -26.65 6.33
N ALA A 43 -5.49 -26.43 5.96
CA ALA A 43 -5.91 -26.25 4.57
C ALA A 43 -5.70 -24.81 4.08
N ASN A 44 -5.11 -23.97 4.92
CA ASN A 44 -4.86 -22.57 4.60
C ASN A 44 -6.13 -21.72 4.47
N VAL A 45 -7.19 -22.14 5.15
CA VAL A 45 -8.33 -21.26 5.39
C VAL A 45 -7.87 -20.17 6.38
N ARG A 46 -8.30 -18.92 6.15
CA ARG A 46 -7.87 -17.83 6.99
C ARG A 46 -9.09 -17.13 7.56
N ILE A 47 -8.96 -16.68 8.79
CA ILE A 47 -9.98 -15.82 9.40
C ILE A 47 -10.25 -14.60 8.53
N GLY A 48 -11.54 -14.33 8.33
CA GLY A 48 -12.02 -13.24 7.49
C GLY A 48 -12.47 -13.67 6.12
N ASP A 49 -12.02 -14.84 5.65
CA ASP A 49 -12.39 -15.29 4.34
C ASP A 49 -13.88 -15.58 4.36
N VAL A 50 -14.52 -15.39 3.21
CA VAL A 50 -15.97 -15.49 3.06
C VAL A 50 -16.31 -16.81 2.39
N VAL A 51 -17.28 -17.51 2.97
CA VAL A 51 -17.73 -18.77 2.42
C VAL A 51 -18.74 -18.50 1.30
N LEU A 52 -18.41 -18.95 0.10
CA LEU A 52 -19.27 -18.78 -1.07
C LEU A 52 -20.18 -19.96 -1.33
N SER A 53 -19.65 -21.17 -1.13
CA SER A 53 -20.46 -22.36 -1.32
C SER A 53 -19.98 -23.44 -0.40
N ILE A 54 -20.91 -24.33 -0.08
CA ILE A 54 -20.66 -25.48 0.75
C ILE A 54 -21.22 -26.69 -0.02
N ASP A 55 -20.33 -27.64 -0.34
CA ASP A 55 -20.67 -28.79 -1.17
C ASP A 55 -21.55 -28.49 -2.37
N GLY A 56 -21.15 -27.46 -3.12
CA GLY A 56 -21.80 -27.11 -4.39
C GLY A 56 -22.87 -26.04 -4.29
N ILE A 57 -23.36 -25.81 -3.07
CA ILE A 57 -24.54 -24.99 -2.86
C ILE A 57 -24.15 -23.58 -2.48
N ASN A 58 -24.75 -22.60 -3.18
CA ASN A 58 -24.53 -21.19 -2.86
C ASN A 58 -24.93 -20.93 -1.40
N ALA A 59 -23.94 -20.50 -0.61
CA ALA A 59 -24.11 -20.24 0.82
C ALA A 59 -24.42 -18.79 1.11
N GLN A 60 -24.37 -17.92 0.09
CA GLN A 60 -24.38 -16.45 0.29
C GLN A 60 -25.72 -15.85 0.72
N GLY A 61 -26.73 -16.68 0.73
CA GLY A 61 -28.03 -16.31 1.29
C GLY A 61 -28.49 -17.16 2.45
N MET A 62 -27.73 -18.21 2.80
CA MET A 62 -28.10 -19.09 3.90
C MET A 62 -28.14 -18.30 5.18
N THR A 63 -29.09 -18.63 6.05
CA THR A 63 -28.99 -18.21 7.44
C THR A 63 -27.73 -18.87 8.07
N HIS A 64 -27.27 -18.30 9.17
CA HIS A 64 -26.17 -18.88 9.95
C HIS A 64 -26.43 -20.37 10.31
N LEU A 65 -27.62 -20.66 10.81
CA LEU A 65 -27.96 -22.04 11.18
C LEU A 65 -28.02 -22.99 9.97
N GLU A 66 -28.58 -22.51 8.86
CA GLU A 66 -28.56 -23.28 7.60
C GLU A 66 -27.13 -23.65 7.20
N ALA A 67 -26.21 -22.70 7.25
CA ALA A 67 -24.81 -22.96 6.88
C ALA A 67 -24.17 -23.98 7.84
N GLN A 68 -24.34 -23.76 9.14
CA GLN A 68 -23.84 -24.73 10.14
C GLN A 68 -24.38 -26.12 9.96
N ASN A 69 -25.69 -26.22 9.73
CA ASN A 69 -26.34 -27.50 9.47
C ASN A 69 -25.80 -28.16 8.20
N LYS A 70 -25.60 -27.37 7.14
CA LYS A 70 -24.99 -27.91 5.92
C LYS A 70 -23.60 -28.47 6.22
N ILE A 71 -22.80 -27.71 6.97
CA ILE A 71 -21.45 -28.13 7.34
C ILE A 71 -21.46 -29.37 8.23
N LYS A 72 -22.40 -29.47 9.15
CA LYS A 72 -22.48 -30.65 10.03
C LYS A 72 -23.05 -31.87 9.36
N GLY A 73 -23.77 -31.67 8.26
CA GLY A 73 -24.31 -32.78 7.47
C GLY A 73 -23.25 -33.40 6.57
N CYS A 74 -22.10 -32.74 6.44
CA CYS A 74 -20.99 -33.25 5.64
C CYS A 74 -20.29 -34.39 6.34
N THR A 75 -20.43 -35.59 5.77
CA THR A 75 -19.62 -36.73 6.16
C THR A 75 -18.50 -36.88 5.14
N GLY A 76 -17.42 -37.55 5.56
CA GLY A 76 -16.34 -37.91 4.63
C GLY A 76 -15.42 -36.78 4.26
N SER A 77 -15.93 -35.83 3.47
CA SER A 77 -15.17 -34.63 3.13
C SER A 77 -16.03 -33.36 3.24
N LEU A 78 -15.42 -32.27 3.74
CA LEU A 78 -16.06 -30.96 3.67
C LEU A 78 -15.47 -30.21 2.48
N ASN A 79 -16.27 -30.00 1.44
CA ASN A 79 -15.91 -29.10 0.35
C ASN A 79 -16.52 -27.69 0.55
N MET A 80 -15.67 -26.68 0.46
CA MET A 80 -16.13 -25.31 0.45
C MET A 80 -15.36 -24.49 -0.55
N THR A 81 -16.03 -23.51 -1.11
CA THR A 81 -15.33 -22.50 -1.89
C THR A 81 -15.44 -21.19 -1.13
N LEU A 82 -14.33 -20.48 -1.06
CA LEU A 82 -14.22 -19.25 -0.30
C LEU A 82 -13.61 -18.15 -1.13
N GLN A 83 -13.83 -16.93 -0.66
CA GLN A 83 -13.35 -15.68 -1.25
C GLN A 83 -12.33 -15.10 -0.26
N ARG A 84 -11.14 -14.80 -0.74
CA ARG A 84 -10.10 -14.29 0.15
C ARG A 84 -10.52 -12.89 0.56
N GLU A 85 -10.61 -12.66 1.87
CA GLU A 85 -10.84 -11.32 2.39
C GLU A 85 -9.91 -11.04 3.57
N SER A 86 -8.83 -11.80 3.62
CA SER A 86 -7.82 -11.70 4.65
C SER A 86 -6.55 -10.94 4.23
N ASP A 87 -6.40 -10.58 2.95
CA ASP A 87 -5.32 -9.71 2.50
C ASP A 87 -5.78 -8.28 2.69
N LEU A 88 -5.16 -7.61 3.64
CA LEU A 88 -5.62 -6.30 4.07
C LEU A 88 -5.04 -5.17 3.21
N SER B 3 12.25 1.16 19.87
CA SER B 3 11.79 0.11 18.92
C SER B 3 10.25 0.06 18.77
N ASN B 4 9.58 1.19 19.04
CA ASN B 4 8.15 1.32 18.80
C ASN B 4 8.01 2.41 17.78
N TYR B 5 6.97 2.34 16.96
CA TYR B 5 6.82 3.27 15.86
C TYR B 5 5.37 3.35 15.42
N SER B 6 5.04 4.41 14.68
CA SER B 6 3.71 4.62 14.15
C SER B 6 3.76 4.76 12.62
N VAL B 7 2.68 4.34 11.97
CA VAL B 7 2.49 4.56 10.54
C VAL B 7 1.14 5.19 10.28
N SER B 8 1.04 5.86 9.14
CA SER B 8 -0.18 6.50 8.67
C SER B 8 -0.20 6.27 7.16
N LEU B 9 -0.92 5.22 6.75
CA LEU B 9 -0.92 4.81 5.35
C LEU B 9 -2.03 5.57 4.66
N VAL B 10 -1.72 6.24 3.56
CA VAL B 10 -2.72 7.01 2.85
C VAL B 10 -3.63 6.02 2.11
N GLY B 11 -4.93 6.20 2.21
CA GLY B 11 -5.90 5.32 1.58
C GLY B 11 -6.04 5.61 0.09
N PRO B 12 -6.81 4.79 -0.62
CA PRO B 12 -7.52 3.69 0.00
C PRO B 12 -6.71 2.40 0.02
N ALA B 13 -7.31 1.37 0.61
CA ALA B 13 -6.76 0.01 0.62
C ALA B 13 -6.75 -0.53 -0.82
N PRO B 14 -6.08 -1.67 -1.06
CA PRO B 14 -5.34 -2.52 -0.12
C PRO B 14 -4.18 -1.83 0.60
N TRP B 15 -4.09 -2.14 1.89
CA TRP B 15 -2.98 -1.70 2.74
C TRP B 15 -1.68 -2.48 2.52
N GLY B 16 -1.76 -3.75 2.06
CA GLY B 16 -0.56 -4.50 1.73
C GLY B 16 0.00 -5.37 2.84
N PHE B 17 -0.83 -5.95 3.71
CA PHE B 17 -0.32 -6.87 4.70
C PHE B 17 -1.34 -7.87 5.16
N ARG B 18 -0.87 -8.91 5.82
CA ARG B 18 -1.72 -9.81 6.61
C ARG B 18 -1.23 -9.86 8.05
N LEU B 19 -2.16 -10.30 8.91
CA LEU B 19 -1.91 -10.56 10.32
C LEU B 19 -1.96 -12.05 10.70
N GLN B 20 -1.25 -12.37 11.79
CA GLN B 20 -1.49 -13.59 12.57
C GLN B 20 -1.69 -13.22 14.04
N GLY B 21 -2.24 -14.12 14.83
CA GLY B 21 -2.42 -13.83 16.24
C GLY B 21 -3.74 -13.20 16.62
N GLY B 22 -3.77 -12.67 17.82
CA GLY B 22 -4.93 -12.04 18.36
C GLY B 22 -5.27 -12.68 19.67
N LYS B 23 -6.20 -12.07 20.35
CA LYS B 23 -6.50 -12.47 21.71
C LYS B 23 -7.01 -13.93 21.80
N ASP B 24 -7.78 -14.33 20.79
CA ASP B 24 -8.30 -15.71 20.72
C ASP B 24 -7.22 -16.79 20.58
N PHE B 25 -6.03 -16.39 20.19
CA PHE B 25 -4.88 -17.27 20.04
C PHE B 25 -3.89 -17.16 21.20
N ASN B 26 -4.15 -16.25 22.13
CA ASN B 26 -3.15 -15.84 23.12
C ASN B 26 -1.81 -15.46 22.47
N MET B 27 -1.89 -14.71 21.37
CA MET B 27 -0.68 -14.25 20.71
C MET B 27 -0.86 -12.79 20.39
N PRO B 28 0.23 -12.01 20.40
CA PRO B 28 0.10 -10.68 19.88
C PRO B 28 -0.31 -10.72 18.42
N LEU B 29 -0.95 -9.64 17.98
CA LEU B 29 -1.26 -9.47 16.57
C LEU B 29 0.04 -9.11 15.90
N THR B 30 0.46 -9.91 14.92
CA THR B 30 1.68 -9.63 14.21
C THR B 30 1.54 -9.60 12.71
N ILE B 31 2.39 -8.80 12.08
CA ILE B 31 2.49 -8.74 10.62
C ILE B 31 3.09 -10.04 10.08
N SER B 32 2.28 -10.77 9.34
CA SER B 32 2.66 -12.10 8.85
C SER B 32 3.03 -12.17 7.38
N SER B 33 2.69 -11.14 6.63
CA SER B 33 2.90 -11.11 5.22
C SER B 33 2.83 -9.66 4.82
N LEU B 34 3.61 -9.32 3.78
CA LEU B 34 3.67 -7.98 3.20
C LEU B 34 3.61 -8.10 1.69
N LYS B 35 2.83 -7.22 1.07
CA LYS B 35 2.82 -7.10 -0.38
C LYS B 35 4.05 -6.34 -0.78
N ASP B 36 4.84 -6.90 -1.67
CA ASP B 36 6.05 -6.22 -2.13
C ASP B 36 5.63 -4.91 -2.84
N GLY B 37 6.16 -3.78 -2.41
CA GLY B 37 5.77 -2.50 -3.00
C GLY B 37 4.45 -1.92 -2.52
N GLY B 38 3.82 -2.59 -1.55
CA GLY B 38 2.54 -2.14 -1.01
C GLY B 38 2.72 -1.00 -0.01
N LYS B 39 1.59 -0.49 0.48
CA LYS B 39 1.59 0.68 1.33
C LYS B 39 2.27 0.40 2.68
N ALA B 40 1.98 -0.75 3.28
CA ALA B 40 2.61 -1.11 4.56
C ALA B 40 4.13 -1.24 4.39
N ALA B 41 4.58 -1.96 3.37
CA ALA B 41 6.02 -2.14 3.04
C ALA B 41 6.74 -0.84 2.82
N GLN B 42 6.12 0.08 2.10
CA GLN B 42 6.69 1.40 1.83
C GLN B 42 6.78 2.25 3.08
N ALA B 43 5.87 2.05 4.02
CA ALA B 43 5.92 2.70 5.33
C ALA B 43 6.90 2.09 6.33
N ASN B 44 7.69 1.10 5.89
CA ASN B 44 8.69 0.41 6.72
C ASN B 44 8.09 -0.44 7.84
N VAL B 45 6.87 -0.94 7.64
CA VAL B 45 6.33 -2.04 8.44
C VAL B 45 7.08 -3.30 8.02
N ARG B 46 7.37 -4.17 8.98
CA ARG B 46 8.17 -5.37 8.74
C ARG B 46 7.48 -6.60 9.29
N ILE B 47 7.66 -7.70 8.58
CA ILE B 47 7.15 -8.98 9.03
C ILE B 47 7.66 -9.24 10.46
N GLY B 48 6.77 -9.71 11.31
CA GLY B 48 7.13 -10.02 12.70
C GLY B 48 6.72 -8.91 13.66
N ASP B 49 6.59 -7.69 13.16
CA ASP B 49 6.19 -6.58 14.01
C ASP B 49 4.78 -6.75 14.65
N VAL B 50 4.69 -6.31 15.89
CA VAL B 50 3.49 -6.40 16.68
C VAL B 50 2.64 -5.14 16.54
N VAL B 51 1.36 -5.33 16.24
CA VAL B 51 0.40 -4.24 16.20
C VAL B 51 -0.10 -3.89 17.59
N LEU B 52 0.28 -2.68 18.05
CA LEU B 52 -0.14 -2.21 19.38
C LEU B 52 -1.48 -1.46 19.40
N SER B 53 -1.75 -0.66 18.37
CA SER B 53 -3.03 -0.01 18.24
C SER B 53 -3.36 0.19 16.77
N ILE B 54 -4.65 0.34 16.51
CA ILE B 54 -5.18 0.59 15.19
C ILE B 54 -6.09 1.81 15.35
N ASP B 55 -5.80 2.87 14.59
CA ASP B 55 -6.60 4.11 14.63
C ASP B 55 -6.70 4.73 16.04
N GLY B 56 -5.58 4.72 16.76
CA GLY B 56 -5.55 5.27 18.12
C GLY B 56 -6.16 4.36 19.19
N ILE B 57 -6.52 3.14 18.81
CA ILE B 57 -7.24 2.23 19.72
C ILE B 57 -6.45 0.97 20.05
N ASN B 58 -6.35 0.68 21.34
CA ASN B 58 -5.57 -0.47 21.81
C ASN B 58 -6.01 -1.77 21.16
N ALA B 59 -5.04 -2.45 20.53
CA ALA B 59 -5.28 -3.72 19.83
C ALA B 59 -5.20 -4.97 20.76
N GLN B 60 -4.80 -4.79 22.02
CA GLN B 60 -4.46 -5.91 22.91
C GLN B 60 -5.56 -6.93 23.17
N GLY B 61 -6.81 -6.49 23.24
CA GLY B 61 -7.90 -7.44 23.53
C GLY B 61 -8.68 -7.87 22.31
N MET B 62 -8.26 -7.38 21.14
CA MET B 62 -8.97 -7.70 19.92
C MET B 62 -8.66 -9.14 19.52
N THR B 63 -9.73 -9.84 19.16
CA THR B 63 -9.59 -11.07 18.45
C THR B 63 -9.04 -10.71 17.07
N HIS B 64 -8.57 -11.75 16.41
CA HIS B 64 -8.06 -11.61 15.06
C HIS B 64 -9.11 -10.90 14.15
N LEU B 65 -10.35 -11.40 14.20
CA LEU B 65 -11.37 -10.88 13.32
C LEU B 65 -11.71 -9.42 13.65
N GLU B 66 -11.80 -9.11 14.93
CA GLU B 66 -11.99 -7.71 15.37
C GLU B 66 -10.94 -6.74 14.81
N ALA B 67 -9.66 -7.15 14.87
CA ALA B 67 -8.56 -6.32 14.34
C ALA B 67 -8.69 -6.17 12.82
N GLN B 68 -8.99 -7.27 12.14
CA GLN B 68 -9.13 -7.24 10.69
C GLN B 68 -10.25 -6.27 10.32
N ASN B 69 -11.38 -6.40 11.01
CA ASN B 69 -12.52 -5.53 10.74
C ASN B 69 -12.25 -4.04 11.03
N LYS B 70 -11.49 -3.77 12.08
CA LYS B 70 -11.09 -2.40 12.36
C LYS B 70 -10.20 -1.85 11.26
N ILE B 71 -9.22 -2.63 10.82
CA ILE B 71 -8.38 -2.18 9.72
C ILE B 71 -9.20 -1.94 8.46
N LYS B 72 -10.09 -2.87 8.14
CA LYS B 72 -10.87 -2.74 6.90
C LYS B 72 -11.82 -1.56 6.94
N GLY B 73 -12.30 -1.22 8.14
CA GLY B 73 -13.25 -0.14 8.29
C GLY B 73 -12.67 1.24 8.26
N CYS B 74 -11.34 1.34 8.25
CA CYS B 74 -10.70 2.62 8.21
C CYS B 74 -10.96 3.30 6.85
C CYS B 74 -10.93 3.29 6.87
N THR B 75 -10.93 4.62 6.88
N THR B 75 -11.88 4.25 6.88
CA THR B 75 -11.00 5.47 5.68
CA THR B 75 -12.32 4.98 5.68
C THR B 75 -10.02 6.63 5.83
C THR B 75 -11.45 6.21 5.42
N GLY B 76 -9.64 7.23 4.70
N GLY B 76 -10.31 6.30 6.11
CA GLY B 76 -8.70 8.33 4.72
CA GLY B 76 -9.34 7.38 5.88
C GLY B 76 -7.28 7.81 4.81
C GLY B 76 -7.94 6.82 5.74
N SER B 77 -6.90 7.40 6.01
N SER B 77 -6.96 7.48 6.34
CA SER B 77 -5.60 6.79 6.23
CA SER B 77 -5.64 6.88 6.45
C SER B 77 -5.60 5.81 7.42
C SER B 77 -5.77 5.68 7.39
N LEU B 78 -4.86 4.73 7.27
CA LEU B 78 -4.76 3.69 8.28
C LEU B 78 -3.63 4.06 9.25
N ASN B 79 -3.99 4.38 10.47
CA ASN B 79 -3.03 4.74 11.50
C ASN B 79 -2.85 3.51 12.37
N MET B 80 -1.60 3.11 12.58
CA MET B 80 -1.28 2.04 13.55
C MET B 80 -0.07 2.44 14.33
N THR B 81 0.03 1.95 15.55
CA THR B 81 1.29 1.90 16.26
C THR B 81 1.70 0.42 16.43
N LEU B 82 3.00 0.20 16.30
CA LEU B 82 3.59 -1.10 16.32
C LEU B 82 4.83 -1.14 17.17
N GLN B 83 5.17 -2.34 17.60
CA GLN B 83 6.40 -2.67 18.30
C GLN B 83 7.25 -3.48 17.35
N ARG B 84 8.48 -3.07 17.19
CA ARG B 84 9.40 -3.86 16.42
C ARG B 84 9.59 -5.23 17.10
N GLU B 85 9.49 -6.30 16.30
CA GLU B 85 9.87 -7.65 16.70
C GLU B 85 10.51 -8.38 15.51
N SER B 86 10.99 -7.57 14.59
CA SER B 86 11.69 -7.99 13.38
C SER B 86 13.19 -7.83 13.57
N ASP B 87 13.66 -7.19 14.65
CA ASP B 87 15.07 -7.22 15.01
C ASP B 87 15.40 -8.55 15.64
N LEU B 88 16.31 -9.27 15.02
CA LEU B 88 16.61 -10.62 15.45
C LEU B 88 17.85 -10.64 16.33
N SER C 1 -2.17 33.23 0.96
CA SER C 1 -3.32 32.47 0.37
C SER C 1 -3.68 31.22 1.17
N MET C 2 -4.99 31.00 1.35
CA MET C 2 -5.51 29.71 1.81
C MET C 2 -5.23 28.60 0.79
N SER C 3 -4.93 29.00 -0.45
CA SER C 3 -4.53 28.07 -1.50
C SER C 3 -3.01 27.79 -1.50
N ASN C 4 -2.37 27.90 -0.34
CA ASN C 4 -1.02 27.37 -0.19
C ASN C 4 -1.09 26.14 0.73
N TYR C 5 -0.13 25.23 0.57
CA TYR C 5 -0.10 24.03 1.36
C TYR C 5 1.33 23.55 1.45
N SER C 6 1.56 22.63 2.37
CA SER C 6 2.88 22.09 2.62
C SER C 6 2.88 20.58 2.50
N VAL C 7 4.05 20.03 2.20
CA VAL C 7 4.22 18.59 2.23
C VAL C 7 5.52 18.26 2.95
N SER C 8 5.55 17.10 3.60
CA SER C 8 6.76 16.58 4.22
C SER C 8 6.88 15.10 3.83
N LEU C 9 7.72 14.83 2.84
CA LEU C 9 7.81 13.51 2.25
C LEU C 9 8.92 12.74 3.00
N VAL C 10 8.63 11.53 3.44
CA VAL C 10 9.60 10.68 4.13
C VAL C 10 10.63 10.17 3.13
N GLY C 11 11.91 10.33 3.44
CA GLY C 11 12.98 9.81 2.59
C GLY C 11 13.10 8.30 2.56
N PRO C 12 13.98 7.77 1.68
CA PRO C 12 14.82 8.56 0.78
C PRO C 12 14.12 8.84 -0.56
N ALA C 13 14.82 9.61 -1.39
CA ALA C 13 14.44 9.82 -2.78
C ALA C 13 14.42 8.44 -3.49
N PRO C 14 13.70 8.32 -4.63
CA PRO C 14 13.01 9.38 -5.36
C PRO C 14 11.69 9.84 -4.76
N TRP C 15 11.40 11.11 -5.01
CA TRP C 15 10.22 11.75 -4.50
C TRP C 15 9.04 11.60 -5.45
N GLY C 16 9.30 11.34 -6.73
CA GLY C 16 8.23 11.08 -7.67
C GLY C 16 7.67 12.27 -8.43
N PHE C 17 8.53 13.21 -8.79
CA PHE C 17 8.06 14.39 -9.53
C PHE C 17 9.18 14.97 -10.36
N ARG C 18 8.77 15.79 -11.33
CA ARG C 18 9.66 16.68 -12.03
C ARG C 18 9.17 18.12 -11.92
N LEU C 19 10.10 19.00 -12.25
CA LEU C 19 9.85 20.39 -12.27
C LEU C 19 10.05 21.02 -13.67
N GLN C 20 9.32 22.11 -13.97
CA GLN C 20 9.68 23.04 -15.04
C GLN C 20 9.81 24.42 -14.45
N GLY C 21 10.49 25.31 -15.16
CA GLY C 21 10.55 26.68 -14.80
C GLY C 21 11.60 27.00 -13.76
N GLY C 22 11.48 28.19 -13.19
CA GLY C 22 12.47 28.76 -12.33
C GLY C 22 12.80 30.18 -12.71
N LYS C 23 13.67 30.80 -11.92
CA LYS C 23 14.00 32.23 -12.09
C LYS C 23 14.46 32.49 -13.51
N ASP C 24 15.19 31.52 -14.06
CA ASP C 24 15.76 31.59 -15.40
C ASP C 24 14.76 31.37 -16.58
N PHE C 25 13.47 31.25 -16.25
CA PHE C 25 12.38 31.03 -17.20
C PHE C 25 11.19 31.98 -16.97
N ASN C 26 10.34 32.10 -17.98
CA ASN C 26 9.07 32.84 -17.85
C ASN C 26 8.15 32.11 -16.85
N MET C 27 8.15 30.78 -16.95
CA MET C 27 7.42 29.92 -16.02
C MET C 27 8.11 29.88 -14.66
N PRO C 28 7.35 30.09 -13.55
CA PRO C 28 7.94 29.92 -12.21
C PRO C 28 8.15 28.43 -11.93
N LEU C 29 8.74 28.09 -10.79
CA LEU C 29 9.03 26.71 -10.48
C LEU C 29 7.73 25.95 -10.29
N THR C 30 7.48 24.96 -11.15
CA THR C 30 6.18 24.33 -11.31
C THR C 30 6.33 22.82 -11.29
N ILE C 31 5.44 22.09 -10.61
CA ILE C 31 5.38 20.63 -10.70
C ILE C 31 4.90 20.28 -12.11
N SER C 32 5.74 19.59 -12.88
CA SER C 32 5.43 19.35 -14.27
C SER C 32 5.10 17.90 -14.57
N SER C 33 5.46 16.99 -13.67
CA SER C 33 5.12 15.59 -13.80
C SER C 33 5.06 14.95 -12.40
N LEU C 34 4.33 13.85 -12.33
CA LEU C 34 4.21 13.02 -11.14
C LEU C 34 4.27 11.54 -11.51
N LYS C 35 4.98 10.78 -10.70
CA LYS C 35 5.01 9.34 -10.81
C LYS C 35 3.76 8.78 -10.10
N ASP C 36 2.98 7.98 -10.84
CA ASP C 36 1.90 7.22 -10.25
C ASP C 36 2.35 6.46 -9.02
N GLY C 37 1.67 6.69 -7.91
CA GLY C 37 1.97 5.99 -6.69
C GLY C 37 3.21 6.48 -5.97
N GLY C 38 3.85 7.53 -6.49
CA GLY C 38 5.02 8.09 -5.87
C GLY C 38 4.72 8.95 -4.66
N LYS C 39 5.75 9.36 -3.94
CA LYS C 39 5.58 10.08 -2.68
C LYS C 39 4.86 11.43 -2.84
N ALA C 40 5.20 12.17 -3.88
CA ALA C 40 4.61 13.47 -4.12
C ALA C 40 3.14 13.34 -4.42
N ALA C 41 2.81 12.38 -5.28
CA ALA C 41 1.41 12.14 -5.67
C ALA C 41 0.58 11.72 -4.45
N GLN C 42 1.12 10.84 -3.61
CA GLN C 42 0.41 10.36 -2.40
C GLN C 42 0.19 11.48 -1.42
N ALA C 43 1.06 12.49 -1.47
CA ALA C 43 0.98 13.68 -0.64
C ALA C 43 0.03 14.74 -1.20
N ASN C 44 -0.61 14.41 -2.33
CA ASN C 44 -1.62 15.27 -2.98
C ASN C 44 -1.05 16.53 -3.63
N VAL C 45 0.21 16.46 -4.00
CA VAL C 45 0.82 17.43 -4.88
C VAL C 45 0.19 17.22 -6.27
N ARG C 46 -0.06 18.32 -6.99
CA ARG C 46 -0.72 18.23 -8.29
C ARG C 46 0.10 18.94 -9.35
N ILE C 47 0.10 18.41 -10.55
CA ILE C 47 0.77 19.08 -11.68
C ILE C 47 0.21 20.50 -11.87
N GLY C 48 1.10 21.49 -12.04
CA GLY C 48 0.79 22.88 -12.18
C GLY C 48 1.00 23.68 -10.91
N ASP C 49 1.07 22.99 -9.77
CA ASP C 49 1.27 23.67 -8.50
C ASP C 49 2.67 24.27 -8.50
N VAL C 50 2.78 25.40 -7.89
CA VAL C 50 4.00 26.20 -7.89
C VAL C 50 4.75 26.02 -6.58
N VAL C 51 6.05 25.73 -6.68
CA VAL C 51 6.91 25.53 -5.49
C VAL C 51 7.34 26.92 -4.95
N LEU C 52 7.00 27.17 -3.70
CA LEU C 52 7.32 28.42 -3.01
C LEU C 52 8.59 28.28 -2.14
N SER C 53 8.80 27.10 -1.55
CA SER C 53 9.95 26.90 -0.67
C SER C 53 10.34 25.44 -0.65
N ILE C 54 11.61 25.20 -0.40
CA ILE C 54 12.17 23.86 -0.33
C ILE C 54 13.06 23.80 0.92
N ASP C 55 12.75 22.84 1.78
CA ASP C 55 13.38 22.65 3.09
C ASP C 55 13.55 24.00 3.84
N GLY C 56 12.48 24.79 3.83
CA GLY C 56 12.42 26.00 4.63
C GLY C 56 13.06 27.22 3.99
N ILE C 57 13.55 27.07 2.77
CA ILE C 57 14.25 28.13 2.02
C ILE C 57 13.37 28.62 0.87
N ASN C 58 13.13 29.94 0.80
CA ASN C 58 12.36 30.55 -0.30
C ASN C 58 12.96 30.08 -1.62
N ALA C 59 12.11 29.48 -2.46
CA ALA C 59 12.49 28.88 -3.73
C ALA C 59 12.24 29.84 -4.89
N GLN C 60 11.58 30.94 -4.61
CA GLN C 60 10.99 31.78 -5.67
C GLN C 60 12.02 32.57 -6.42
N GLY C 61 13.25 32.67 -5.89
CA GLY C 61 14.38 33.22 -6.64
C GLY C 61 15.38 32.24 -7.18
N MET C 62 15.11 30.94 -7.08
CA MET C 62 16.08 29.95 -7.48
C MET C 62 15.98 29.71 -8.98
N THR C 63 17.14 29.51 -9.59
CA THR C 63 17.16 28.97 -10.95
C THR C 63 16.65 27.54 -10.87
N HIS C 64 16.31 26.99 -12.03
CA HIS C 64 15.84 25.63 -12.11
C HIS C 64 16.89 24.67 -11.56
N LEU C 65 18.14 24.85 -11.97
CA LEU C 65 19.25 24.01 -11.46
C LEU C 65 19.42 24.15 -9.93
N GLU C 66 19.41 25.38 -9.43
CA GLU C 66 19.47 25.61 -7.98
C GLU C 66 18.38 24.81 -7.22
N ALA C 67 17.16 24.88 -7.71
CA ALA C 67 16.07 24.15 -7.08
C ALA C 67 16.31 22.64 -7.18
N GLN C 68 16.73 22.17 -8.35
CA GLN C 68 17.02 20.77 -8.52
C GLN C 68 18.11 20.30 -7.58
N ASN C 69 19.15 21.12 -7.44
CA ASN C 69 20.27 20.83 -6.55
C ASN C 69 19.82 20.76 -5.10
N LYS C 70 18.93 21.68 -4.69
CA LYS C 70 18.41 21.73 -3.34
C LYS C 70 17.63 20.43 -3.02
N ILE C 71 16.81 19.98 -3.97
CA ILE C 71 16.04 18.74 -3.82
C ILE C 71 16.93 17.51 -3.79
N LYS C 72 17.86 17.43 -4.76
CA LYS C 72 18.86 16.31 -4.75
C LYS C 72 19.74 16.32 -3.49
N GLY C 73 19.89 17.48 -2.84
CA GLY C 73 20.72 17.63 -1.64
C GLY C 73 20.01 17.40 -0.33
N CYS C 74 18.71 17.07 -0.41
CA CYS C 74 17.90 16.84 0.77
C CYS C 74 18.55 15.76 1.64
N THR C 75 18.65 16.05 2.92
CA THR C 75 19.27 15.16 3.90
C THR C 75 18.34 14.02 4.34
N GLY C 76 17.11 14.38 4.67
CA GLY C 76 16.16 13.51 5.33
C GLY C 76 14.83 13.53 4.59
N SER C 77 13.82 14.10 5.24
CA SER C 77 12.52 14.31 4.62
C SER C 77 12.57 15.54 3.72
N LEU C 78 11.86 15.46 2.60
CA LEU C 78 11.74 16.60 1.71
C LEU C 78 10.52 17.43 2.08
N ASN C 79 10.81 18.66 2.45
CA ASN C 79 9.79 19.57 2.88
C ASN C 79 9.65 20.66 1.84
N MET C 80 8.41 20.91 1.42
CA MET C 80 8.12 22.00 0.46
C MET C 80 6.83 22.69 0.84
N THR C 81 6.77 23.96 0.48
CA THR C 81 5.51 24.67 0.45
C THR C 81 5.21 25.04 -0.98
N LEU C 82 3.94 24.95 -1.33
CA LEU C 82 3.45 25.13 -2.68
C LEU C 82 2.18 25.96 -2.70
N GLN C 83 1.95 26.59 -3.85
CA GLN C 83 0.73 27.34 -4.14
C GLN C 83 -0.09 26.49 -5.09
N ARG C 84 -1.37 26.33 -4.79
CA ARG C 84 -2.24 25.58 -5.68
C ARG C 84 -2.47 26.36 -6.97
N GLU C 85 -2.23 25.69 -8.10
CA GLU C 85 -2.51 26.29 -9.40
C GLU C 85 -3.09 25.26 -10.36
N SER C 86 -3.79 24.30 -9.77
CA SER C 86 -4.29 23.12 -10.45
C SER C 86 -5.84 23.08 -10.51
N ASP C 87 -6.55 23.99 -9.83
CA ASP C 87 -7.99 24.12 -9.98
C ASP C 87 -8.26 25.01 -11.18
N LEU C 88 -8.93 24.47 -12.18
CA LEU C 88 -9.08 25.18 -13.43
C LEU C 88 -10.42 25.88 -13.49
N SER D 1 30.43 -20.01 -3.75
CA SER D 1 31.71 -19.28 -4.02
C SER D 1 32.73 -19.60 -2.95
N MET D 2 34.00 -19.43 -3.29
CA MET D 2 35.12 -19.53 -2.32
C MET D 2 34.89 -18.62 -1.11
N SER D 3 34.27 -17.47 -1.36
CA SER D 3 34.01 -16.52 -0.31
C SER D 3 32.78 -16.83 0.56
N ASN D 4 31.97 -17.87 0.26
CA ASN D 4 30.87 -18.27 1.19
C ASN D 4 31.47 -18.53 2.55
N TYR D 5 30.70 -18.30 3.61
CA TYR D 5 31.23 -18.34 4.95
C TYR D 5 30.17 -18.73 5.93
N SER D 6 30.62 -19.22 7.08
CA SER D 6 29.71 -19.67 8.12
C SER D 6 29.92 -18.82 9.35
N VAL D 7 28.85 -18.63 10.10
CA VAL D 7 28.95 -18.06 11.43
C VAL D 7 28.28 -18.93 12.45
N SER D 8 28.80 -18.87 13.69
CA SER D 8 28.22 -19.65 14.79
C SER D 8 28.19 -18.72 15.98
N LEU D 9 27.04 -18.09 16.19
CA LEU D 9 26.88 -17.06 17.23
C LEU D 9 26.50 -17.74 18.55
N VAL D 10 27.06 -17.21 19.62
CA VAL D 10 26.82 -17.70 20.99
C VAL D 10 25.62 -16.97 21.55
N GLY D 11 24.62 -17.71 22.03
CA GLY D 11 23.40 -17.11 22.55
C GLY D 11 23.64 -16.50 23.94
N PRO D 12 22.62 -15.82 24.49
CA PRO D 12 21.29 -15.67 23.92
C PRO D 12 21.19 -14.53 22.92
N ALA D 13 20.11 -14.52 22.14
CA ALA D 13 19.78 -13.39 21.29
C ALA D 13 19.58 -12.16 22.19
N PRO D 14 19.54 -10.95 21.60
CA PRO D 14 19.52 -10.59 20.15
C PRO D 14 20.76 -10.97 19.40
N TRP D 15 20.56 -11.47 18.20
CA TRP D 15 21.66 -11.87 17.34
C TRP D 15 22.23 -10.64 16.63
N GLY D 16 21.46 -9.56 16.58
CA GLY D 16 21.94 -8.28 16.02
C GLY D 16 21.83 -8.07 14.51
N PHE D 17 20.76 -8.63 13.90
CA PHE D 17 20.51 -8.39 12.49
C PHE D 17 19.02 -8.41 12.13
N ARG D 18 18.74 -7.90 10.96
CA ARG D 18 17.44 -8.02 10.29
C ARG D 18 17.64 -8.60 8.89
N LEU D 19 16.56 -9.21 8.43
CA LEU D 19 16.50 -9.78 7.10
C LEU D 19 15.52 -8.99 6.20
N GLN D 20 15.75 -9.05 4.90
CA GLN D 20 14.74 -8.75 3.92
C GLN D 20 14.62 -9.91 2.96
N GLY D 21 13.52 -9.94 2.23
CA GLY D 21 13.40 -10.87 1.12
C GLY D 21 12.81 -12.18 1.56
N GLY D 22 13.14 -13.21 0.81
CA GLY D 22 12.53 -14.50 1.02
C GLY D 22 11.58 -14.97 -0.10
N LYS D 23 11.13 -16.20 0.02
CA LYS D 23 10.38 -16.87 -1.05
C LYS D 23 9.08 -16.21 -1.40
N ASP D 24 8.40 -15.63 -0.41
CA ASP D 24 7.19 -14.87 -0.66
C ASP D 24 7.39 -13.67 -1.57
N PHE D 25 8.62 -13.20 -1.64
CA PHE D 25 9.01 -12.10 -2.50
C PHE D 25 9.80 -12.57 -3.73
N ASN D 26 10.04 -13.87 -3.84
CA ASN D 26 10.83 -14.45 -4.91
C ASN D 26 12.21 -13.82 -4.94
N MET D 27 12.75 -13.63 -3.75
CA MET D 27 14.05 -13.03 -3.55
C MET D 27 14.85 -13.86 -2.57
N PRO D 28 16.18 -13.78 -2.67
CA PRO D 28 16.97 -14.35 -1.60
C PRO D 28 16.71 -13.62 -0.28
N LEU D 29 16.92 -14.34 0.80
CA LEU D 29 17.01 -13.73 2.12
C LEU D 29 18.35 -13.03 2.22
N THR D 30 18.33 -11.75 2.54
CA THR D 30 19.56 -10.97 2.68
C THR D 30 19.58 -10.20 4.00
N ILE D 31 20.78 -9.98 4.50
CA ILE D 31 20.99 -9.16 5.70
C ILE D 31 20.70 -7.71 5.36
N SER D 32 19.68 -7.12 6.00
CA SER D 32 19.31 -5.79 5.69
C SER D 32 19.73 -4.74 6.72
N SER D 33 20.06 -5.17 7.93
CA SER D 33 20.48 -4.27 8.99
C SER D 33 21.37 -5.04 9.92
N LEU D 34 22.31 -4.34 10.58
CA LEU D 34 23.16 -4.94 11.61
C LEU D 34 23.24 -4.01 12.79
N LYS D 35 23.17 -4.58 14.00
CA LYS D 35 23.42 -3.85 15.19
C LYS D 35 24.91 -3.64 15.31
N ASP D 36 25.28 -2.38 15.57
CA ASP D 36 26.68 -2.00 15.80
C ASP D 36 27.20 -2.76 17.02
N GLY D 37 28.27 -3.53 16.83
CA GLY D 37 28.88 -4.29 17.90
C GLY D 37 28.10 -5.52 18.31
N GLY D 38 27.03 -5.80 17.56
CA GLY D 38 26.23 -6.98 17.79
C GLY D 38 26.92 -8.28 17.36
N LYS D 39 26.27 -9.39 17.67
CA LYS D 39 26.96 -10.66 17.49
C LYS D 39 27.17 -10.92 16.01
N ALA D 40 26.19 -10.61 15.16
CA ALA D 40 26.36 -10.86 13.73
C ALA D 40 27.50 -9.99 13.15
N ALA D 41 27.51 -8.70 13.52
CA ALA D 41 28.53 -7.78 13.04
C ALA D 41 29.92 -8.23 13.49
N GLN D 42 30.04 -8.68 14.74
CA GLN D 42 31.31 -9.15 15.27
C GLN D 42 31.80 -10.45 14.62
N ALA D 43 30.87 -11.22 14.06
CA ALA D 43 31.14 -12.44 13.33
C ALA D 43 31.43 -12.17 11.82
N ASN D 44 31.51 -10.88 11.47
CA ASN D 44 31.91 -10.36 10.15
C ASN D 44 30.83 -10.59 9.06
N VAL D 45 29.58 -10.70 9.52
CA VAL D 45 28.40 -10.60 8.63
C VAL D 45 28.31 -9.15 8.08
N ARG D 46 27.93 -9.02 6.82
CA ARG D 46 27.81 -7.73 6.16
C ARG D 46 26.43 -7.53 5.56
N ILE D 47 25.95 -6.32 5.68
CA ILE D 47 24.69 -5.95 5.04
C ILE D 47 24.80 -6.24 3.54
N GLY D 48 23.76 -6.87 3.01
CA GLY D 48 23.69 -7.27 1.61
C GLY D 48 23.97 -8.74 1.39
N ASP D 49 24.67 -9.37 2.33
CA ASP D 49 25.00 -10.80 2.19
C ASP D 49 23.73 -11.69 2.19
N VAL D 50 23.75 -12.78 1.43
CA VAL D 50 22.65 -13.71 1.27
C VAL D 50 22.74 -14.81 2.31
N VAL D 51 21.61 -15.12 2.97
CA VAL D 51 21.53 -16.24 3.90
C VAL D 51 21.23 -17.51 3.12
N LEU D 52 22.22 -18.39 3.10
CA LEU D 52 22.11 -19.70 2.48
C LEU D 52 21.46 -20.81 3.33
N SER D 53 21.74 -20.79 4.61
CA SER D 53 21.22 -21.83 5.51
C SER D 53 21.12 -21.28 6.93
N ILE D 54 20.16 -21.83 7.68
CA ILE D 54 19.93 -21.43 9.07
C ILE D 54 19.85 -22.73 9.86
N ASP D 55 20.69 -22.86 10.88
CA ASP D 55 20.69 -24.08 11.70
C ASP D 55 20.78 -25.36 10.83
N GLY D 56 21.65 -25.32 9.84
CA GLY D 56 21.87 -26.44 8.94
C GLY D 56 20.85 -26.62 7.83
N ILE D 57 19.75 -25.88 7.86
CA ILE D 57 18.65 -26.10 6.92
C ILE D 57 18.72 -25.06 5.81
N ASN D 58 18.68 -25.49 4.56
CA ASN D 58 18.66 -24.58 3.39
C ASN D 58 17.59 -23.51 3.53
N ALA D 59 18.00 -22.24 3.45
CA ALA D 59 17.09 -21.14 3.64
C ALA D 59 16.43 -20.71 2.34
N GLN D 60 16.96 -21.19 1.22
CA GLN D 60 16.80 -20.48 -0.04
C GLN D 60 15.39 -20.58 -0.66
N GLY D 61 14.53 -21.45 -0.10
CA GLY D 61 13.10 -21.44 -0.38
C GLY D 61 12.20 -21.09 0.81
N MET D 62 12.76 -20.59 1.90
CA MET D 62 11.93 -20.20 3.09
C MET D 62 11.28 -18.88 2.82
N THR D 63 10.06 -18.73 3.32
CA THR D 63 9.44 -17.41 3.41
C THR D 63 10.19 -16.61 4.44
N HIS D 64 9.98 -15.32 4.39
CA HIS D 64 10.57 -14.46 5.36
C HIS D 64 10.16 -14.84 6.81
N LEU D 65 8.85 -15.04 6.99
CA LEU D 65 8.34 -15.44 8.31
C LEU D 65 8.91 -16.77 8.79
N GLU D 66 9.07 -17.73 7.87
CA GLU D 66 9.59 -19.02 8.23
C GLU D 66 11.02 -18.85 8.77
N ALA D 67 11.84 -18.06 8.07
CA ALA D 67 13.23 -17.88 8.46
C ALA D 67 13.29 -17.19 9.82
N GLN D 68 12.46 -16.16 9.97
CA GLN D 68 12.41 -15.43 11.21
C GLN D 68 12.08 -16.35 12.38
N ASN D 69 11.07 -17.22 12.19
CA ASN D 69 10.64 -18.13 13.24
C ASN D 69 11.72 -19.16 13.58
N LYS D 70 12.45 -19.67 12.57
CA LYS D 70 13.59 -20.56 12.81
C LYS D 70 14.67 -19.86 13.69
N ILE D 71 15.00 -18.62 13.36
CA ILE D 71 16.02 -17.86 14.07
C ILE D 71 15.58 -17.53 15.47
N LYS D 72 14.33 -17.11 15.61
CA LYS D 72 13.76 -16.86 16.93
C LYS D 72 13.73 -18.07 17.82
N GLY D 73 13.57 -19.24 17.24
CA GLY D 73 13.51 -20.49 17.98
C GLY D 73 14.84 -21.00 18.50
N CYS D 74 15.94 -20.46 17.98
CA CYS D 74 17.28 -20.84 18.44
C CYS D 74 17.55 -20.16 19.77
N THR D 75 18.22 -20.85 20.68
CA THR D 75 18.35 -20.34 22.03
C THR D 75 19.83 -20.16 22.42
N GLY D 76 20.57 -21.26 22.53
CA GLY D 76 21.95 -21.17 22.98
C GLY D 76 22.96 -20.75 21.93
N SER D 77 22.56 -20.82 20.66
CA SER D 77 23.44 -20.50 19.55
C SER D 77 22.67 -20.32 18.26
N LEU D 78 23.32 -19.74 17.25
CA LEU D 78 22.71 -19.61 15.93
C LEU D 78 23.78 -19.84 14.87
N ASN D 79 23.62 -20.91 14.09
CA ASN D 79 24.52 -21.21 12.98
C ASN D 79 23.85 -20.75 11.70
N MET D 80 24.61 -20.07 10.84
CA MET D 80 24.14 -19.75 9.51
C MET D 80 25.30 -19.88 8.52
N THR D 81 24.99 -20.14 7.26
CA THR D 81 25.97 -20.00 6.20
C THR D 81 25.45 -18.93 5.25
N LEU D 82 26.40 -18.14 4.73
CA LEU D 82 26.06 -16.99 3.92
C LEU D 82 26.94 -16.88 2.69
N GLN D 83 26.43 -16.14 1.72
CA GLN D 83 27.11 -15.78 0.48
C GLN D 83 27.37 -14.25 0.46
N ARG D 84 28.61 -13.87 0.21
CA ARG D 84 29.01 -12.46 0.15
C ARG D 84 28.35 -11.74 -1.03
N GLU D 85 27.61 -10.67 -0.73
CA GLU D 85 27.03 -9.79 -1.76
C GLU D 85 27.15 -8.34 -1.39
N SER D 86 28.26 -8.07 -0.71
CA SER D 86 28.57 -6.76 -0.15
C SER D 86 29.79 -6.09 -0.82
N ASP D 87 30.47 -6.76 -1.74
CA ASP D 87 31.56 -6.16 -2.48
C ASP D 87 30.90 -5.42 -3.65
N LEU D 88 31.19 -4.13 -3.75
CA LEU D 88 30.58 -3.26 -4.76
C LEU D 88 31.50 -3.02 -5.96
N MET E 2 -22.03 8.23 -31.16
CA MET E 2 -20.96 8.41 -30.14
C MET E 2 -21.57 8.77 -28.79
N SER E 3 -20.97 8.23 -27.73
CA SER E 3 -21.16 8.72 -26.36
C SER E 3 -20.13 9.83 -26.09
N ASN E 4 -19.85 10.61 -27.13
CA ASN E 4 -19.04 11.82 -27.00
C ASN E 4 -19.97 13.02 -26.96
N TYR E 5 -19.49 14.11 -26.37
CA TYR E 5 -20.24 15.36 -26.27
C TYR E 5 -19.28 16.54 -26.24
N SER E 6 -19.82 17.71 -26.57
CA SER E 6 -19.04 18.95 -26.59
C SER E 6 -19.61 19.92 -25.60
N VAL E 7 -18.74 20.77 -25.06
CA VAL E 7 -19.16 21.87 -24.20
C VAL E 7 -18.48 23.14 -24.66
N SER E 8 -19.16 24.27 -24.39
CA SER E 8 -18.60 25.58 -24.64
C SER E 8 -18.98 26.40 -23.43
N LEU E 9 -17.99 26.58 -22.56
CA LEU E 9 -18.18 27.24 -21.29
C LEU E 9 -17.84 28.69 -21.48
N VAL E 10 -18.77 29.58 -21.19
CA VAL E 10 -18.51 31.02 -21.29
C VAL E 10 -17.82 31.51 -20.02
N GLY E 11 -16.69 32.20 -20.19
CA GLY E 11 -15.89 32.66 -19.09
C GLY E 11 -16.54 33.84 -18.37
N PRO E 12 -15.86 34.38 -17.35
CA PRO E 12 -14.48 34.10 -16.94
C PRO E 12 -14.36 32.76 -16.21
N ALA E 13 -13.18 32.18 -16.29
CA ALA E 13 -12.80 31.12 -15.38
C ALA E 13 -12.82 31.69 -13.94
N PRO E 14 -12.75 30.83 -12.93
CA PRO E 14 -12.57 29.38 -12.93
C PRO E 14 -13.67 28.59 -13.63
N TRP E 15 -13.26 27.58 -14.35
CA TRP E 15 -14.22 26.70 -15.03
C TRP E 15 -14.84 25.63 -14.10
N GLY E 16 -14.16 25.27 -13.02
CA GLY E 16 -14.71 24.42 -11.97
C GLY E 16 -14.35 22.97 -12.11
N PHE E 17 -13.12 22.68 -12.53
CA PHE E 17 -12.71 21.30 -12.58
C PHE E 17 -11.21 21.12 -12.44
N ARG E 18 -10.81 19.87 -12.20
CA ARG E 18 -9.42 19.44 -12.32
C ARG E 18 -9.28 18.27 -13.25
N LEU E 19 -8.03 18.03 -13.66
CA LEU E 19 -7.65 16.91 -14.50
C LEU E 19 -6.65 15.98 -13.84
N GLN E 20 -6.69 14.72 -14.25
CA GLN E 20 -5.60 13.76 -14.02
C GLN E 20 -5.33 13.08 -15.33
N GLY E 21 -4.14 12.49 -15.41
CA GLY E 21 -3.75 11.70 -16.55
C GLY E 21 -3.22 12.55 -17.68
N GLY E 22 -3.07 11.92 -18.84
CA GLY E 22 -2.52 12.54 -20.03
C GLY E 22 -1.63 11.61 -20.83
N LYS E 23 -1.06 12.12 -21.91
CA LYS E 23 -0.24 11.27 -22.80
C LYS E 23 0.96 10.65 -22.06
N ASP E 24 1.44 11.37 -21.04
CA ASP E 24 2.55 10.92 -20.21
C ASP E 24 2.20 9.87 -19.13
N PHE E 25 0.93 9.46 -19.04
CA PHE E 25 0.47 8.55 -18.00
C PHE E 25 -0.39 7.41 -18.55
N ASN E 26 -0.58 6.38 -17.72
CA ASN E 26 -1.38 5.21 -18.08
C ASN E 26 -2.88 5.52 -18.23
N MET E 27 -3.36 6.51 -17.49
CA MET E 27 -4.73 6.98 -17.63
C MET E 27 -4.70 8.17 -18.59
N PRO E 28 -5.63 8.21 -19.58
CA PRO E 28 -5.70 9.38 -20.46
C PRO E 28 -6.24 10.61 -19.70
N LEU E 29 -6.24 11.76 -20.35
CA LEU E 29 -6.68 12.99 -19.74
C LEU E 29 -8.16 12.92 -19.32
N THR E 30 -8.41 13.05 -18.01
CA THR E 30 -9.71 12.74 -17.43
C THR E 30 -10.09 13.84 -16.46
N ILE E 31 -11.37 14.20 -16.44
CA ILE E 31 -11.90 15.07 -15.43
C ILE E 31 -11.84 14.34 -14.08
N SER E 32 -11.12 14.89 -13.11
CA SER E 32 -10.81 14.19 -11.86
C SER E 32 -11.50 14.83 -10.66
N SER E 33 -11.98 16.08 -10.80
CA SER E 33 -12.68 16.79 -9.72
C SER E 33 -13.57 17.81 -10.40
N LEU E 34 -14.66 18.14 -9.72
CA LEU E 34 -15.66 19.02 -10.26
C LEU E 34 -16.20 19.86 -9.12
N LYS E 35 -16.20 21.18 -9.30
CA LYS E 35 -16.85 22.08 -8.34
C LYS E 35 -18.40 22.08 -8.46
N ASP E 36 -19.08 21.87 -7.34
CA ASP E 36 -20.55 21.89 -7.32
C ASP E 36 -21.03 23.27 -7.77
N GLY E 37 -21.95 23.29 -8.74
CA GLY E 37 -22.44 24.56 -9.25
C GLY E 37 -21.49 25.33 -10.15
N GLY E 38 -20.30 24.79 -10.44
CA GLY E 38 -19.37 25.47 -11.31
C GLY E 38 -19.80 25.38 -12.76
N LYS E 39 -19.05 26.05 -13.62
CA LYS E 39 -19.43 26.13 -15.03
C LYS E 39 -19.37 24.77 -15.73
N ALA E 40 -18.35 23.97 -15.45
CA ALA E 40 -18.24 22.64 -16.05
C ALA E 40 -19.39 21.73 -15.57
N ALA E 41 -19.61 21.68 -14.26
CA ALA E 41 -20.73 20.92 -13.68
C ALA E 41 -22.05 21.33 -14.34
N GLN E 42 -22.28 22.62 -14.51
CA GLN E 42 -23.57 23.06 -15.06
C GLN E 42 -23.72 22.79 -16.57
N ALA E 43 -22.59 22.55 -17.26
CA ALA E 43 -22.58 22.10 -18.64
C ALA E 43 -22.68 20.60 -18.75
N ASN E 44 -22.87 19.91 -17.62
CA ASN E 44 -22.99 18.46 -17.55
CA ASN E 44 -22.98 18.45 -17.52
C ASN E 44 -21.69 17.68 -17.79
N VAL E 45 -20.56 18.31 -17.54
CA VAL E 45 -19.30 17.60 -17.49
C VAL E 45 -19.28 16.81 -16.18
N ARG E 46 -18.75 15.60 -16.21
CA ARG E 46 -18.74 14.76 -15.01
C ARG E 46 -17.36 14.13 -14.82
N ILE E 47 -17.03 13.86 -13.56
CA ILE E 47 -15.81 13.15 -13.18
C ILE E 47 -15.78 11.79 -13.85
N GLY E 48 -14.63 11.46 -14.43
CA GLY E 48 -14.44 10.27 -15.18
C GLY E 48 -14.58 10.43 -16.68
N ASP E 49 -15.14 11.54 -17.15
CA ASP E 49 -15.22 11.80 -18.59
C ASP E 49 -13.81 12.11 -19.11
N VAL E 50 -13.53 11.67 -20.32
CA VAL E 50 -12.21 11.78 -20.90
C VAL E 50 -12.22 12.98 -21.86
N VAL E 51 -11.21 13.84 -21.71
CA VAL E 51 -11.02 15.01 -22.56
C VAL E 51 -10.32 14.56 -23.86
N LEU E 52 -11.05 14.76 -24.96
CA LEU E 52 -10.61 14.37 -26.30
C LEU E 52 -9.94 15.54 -27.03
N SER E 53 -10.49 16.74 -26.85
CA SER E 53 -9.98 17.93 -27.50
C SER E 53 -10.23 19.16 -26.63
N ILE E 54 -9.36 20.17 -26.81
CA ILE E 54 -9.46 21.48 -26.13
C ILE E 54 -9.31 22.57 -27.21
N ASP E 55 -10.31 23.46 -27.30
CA ASP E 55 -10.31 24.55 -28.29
C ASP E 55 -10.01 24.06 -29.73
N GLY E 56 -10.56 22.89 -30.08
CA GLY E 56 -10.45 22.34 -31.42
C GLY E 56 -9.20 21.54 -31.74
N ILE E 57 -8.33 21.40 -30.74
CA ILE E 57 -7.06 20.68 -30.85
C ILE E 57 -7.14 19.35 -30.12
N ASN E 58 -6.73 18.27 -30.78
CA ASN E 58 -6.65 16.93 -30.15
C ASN E 58 -5.78 16.93 -28.89
N ALA E 59 -6.39 16.52 -27.77
CA ALA E 59 -5.75 16.57 -26.49
C ALA E 59 -4.97 15.30 -26.23
N GLN E 60 -5.20 14.27 -27.05
CA GLN E 60 -4.72 12.92 -26.76
C GLN E 60 -3.23 12.79 -26.92
N GLY E 61 -2.61 13.78 -27.56
CA GLY E 61 -1.17 13.87 -27.69
C GLY E 61 -0.59 15.10 -26.97
N MET E 62 -1.28 15.53 -25.91
CA MET E 62 -0.75 16.56 -25.02
C MET E 62 -0.33 15.91 -23.72
N THR E 63 0.79 16.38 -23.15
CA THR E 63 1.07 16.02 -21.75
C THR E 63 0.07 16.72 -20.85
N HIS E 64 0.01 16.25 -19.64
CA HIS E 64 -0.88 16.89 -18.70
C HIS E 64 -0.65 18.41 -18.58
N LEU E 65 0.60 18.85 -18.39
CA LEU E 65 0.88 20.26 -18.20
C LEU E 65 0.55 21.10 -19.45
N GLU E 66 0.79 20.52 -20.61
CA GLU E 66 0.42 21.16 -21.89
C GLU E 66 -1.08 21.45 -21.98
N ALA E 67 -1.88 20.44 -21.64
CA ALA E 67 -3.34 20.54 -21.64
C ALA E 67 -3.80 21.57 -20.62
N GLN E 68 -3.22 21.51 -19.41
CA GLN E 68 -3.58 22.44 -18.37
C GLN E 68 -3.29 23.86 -18.83
N ASN E 69 -2.13 24.07 -19.46
CA ASN E 69 -1.82 25.42 -19.91
C ASN E 69 -2.68 25.88 -21.07
N LYS E 70 -3.05 24.95 -21.94
CA LYS E 70 -4.02 25.26 -23.02
C LYS E 70 -5.32 25.78 -22.43
N ILE E 71 -5.83 25.07 -21.41
CA ILE E 71 -7.04 25.49 -20.72
C ILE E 71 -6.88 26.86 -20.05
N LYS E 72 -5.78 27.09 -19.34
CA LYS E 72 -5.54 28.38 -18.70
C LYS E 72 -5.38 29.55 -19.67
N GLY E 73 -4.89 29.25 -20.88
CA GLY E 73 -4.68 30.28 -21.89
C GLY E 73 -5.97 30.62 -22.62
N CYS E 74 -7.02 29.84 -22.35
CA CYS E 74 -8.31 30.08 -22.96
C CYS E 74 -8.96 31.30 -22.34
N THR E 75 -9.20 32.27 -23.22
CA THR E 75 -9.94 33.47 -22.91
C THR E 75 -11.26 33.40 -23.68
N GLY E 76 -12.32 33.89 -23.05
CA GLY E 76 -13.64 33.90 -23.66
C GLY E 76 -14.42 32.69 -23.23
N SER E 77 -14.35 31.66 -24.07
CA SER E 77 -15.05 30.40 -23.84
C SER E 77 -14.04 29.28 -23.87
N LEU E 78 -14.28 28.29 -23.05
CA LEU E 78 -13.50 27.08 -23.06
C LEU E 78 -14.30 26.06 -23.84
N ASN E 79 -13.80 25.67 -24.99
CA ASN E 79 -14.38 24.57 -25.77
C ASN E 79 -13.64 23.24 -25.56
N MET E 80 -14.41 22.19 -25.28
CA MET E 80 -13.88 20.85 -25.11
C MET E 80 -14.83 19.82 -25.72
N THR E 81 -14.25 18.72 -26.21
CA THR E 81 -15.01 17.54 -26.52
C THR E 81 -14.55 16.40 -25.59
N LEU E 82 -15.53 15.65 -25.08
CA LEU E 82 -15.29 14.57 -24.13
C LEU E 82 -15.98 13.28 -24.48
N GLN E 83 -15.43 12.18 -23.97
CA GLN E 83 -16.07 10.87 -24.00
C GLN E 83 -16.71 10.63 -22.64
N ARG E 84 -17.97 10.20 -22.64
CA ARG E 84 -18.76 10.06 -21.39
C ARG E 84 -18.43 8.81 -20.62
N GLU E 85 -17.20 8.67 -20.16
CA GLU E 85 -16.79 7.46 -19.50
C GLU E 85 -17.31 7.36 -18.06
N SER E 86 -17.95 8.42 -17.60
CA SER E 86 -18.65 8.39 -16.29
C SER E 86 -19.93 7.52 -16.31
N ASP E 87 -20.43 7.17 -17.51
CA ASP E 87 -21.43 6.12 -17.63
C ASP E 87 -20.74 4.78 -17.38
N LEU E 88 -21.04 4.13 -16.27
CA LEU E 88 -20.29 2.95 -15.86
C LEU E 88 -20.92 1.68 -16.38
#